data_7MWY
#
_entry.id   7MWY
#
_cell.length_a   135.199
_cell.length_b   135.199
_cell.length_c   60.035
_cell.angle_alpha   90.000
_cell.angle_beta   90.000
_cell.angle_gamma   120.000
#
_symmetry.space_group_name_H-M   'P 32 2 1'
#
loop_
_entity.id
_entity.type
_entity.pdbx_description
1 polymer STING
2 water water
#
_entity_poly.entity_id   1
_entity_poly.type   'polypeptide(L)'
_entity_poly.pdbx_seq_one_letter_code
;SGMNIFEMLRIDQGLRLKIYKDTEGYYTIGIGHLLTKSPSLNAAKSELDKAIGRNTNGVITKDEAEKLFNQDVDAAVRGI
LRNAKLKPVYDSLDAVRRAALINMVFQMGETGVAGFTNSLRMLQQKRWDEAAVNLAKSRWYNQTPNRAKRVITTFRTGTW
DAYGSLDYAAGMASNYFHGYLKLSLPERKADGLLHRMNVYEDKYNVTFGIKRLIILIPDEMFINGVIQSRILEKATPLET
QFINRAGVNRPFKHAVYRLAEKVNGKTYYFAMEGATPMLSFFEAMHSNFSATWQMKELKREIWLKFYTHLNELIKTWPET
RNLVELIIYNSHDTKGDLVDVGEMLKSHMELKTKNI
;
_entity_poly.pdbx_strand_id   A
#
# COMPACT_ATOMS: atom_id res chain seq x y z
N GLY A 2 -10.54 20.10 10.35
CA GLY A 2 -11.04 18.77 10.08
C GLY A 2 -10.06 17.64 10.39
N MET A 3 -8.76 17.90 10.31
CA MET A 3 -7.78 16.84 10.47
C MET A 3 -7.59 16.59 11.97
N ASN A 4 -7.25 15.36 12.32
CA ASN A 4 -6.89 15.02 13.69
C ASN A 4 -6.05 13.75 13.65
N ILE A 5 -5.60 13.30 14.83
CA ILE A 5 -4.68 12.17 14.81
C ILE A 5 -5.35 10.89 14.28
N PHE A 6 -6.67 10.73 14.48
CA PHE A 6 -7.35 9.58 13.86
C PHE A 6 -7.29 9.65 12.35
N GLU A 7 -7.61 10.80 11.78
CA GLU A 7 -7.57 10.92 10.32
C GLU A 7 -6.15 10.78 9.79
N MET A 8 -5.18 11.29 10.56
CA MET A 8 -3.77 11.12 10.23
C MET A 8 -3.40 9.65 10.10
N LEU A 9 -3.68 8.85 11.14
CA LEU A 9 -3.28 7.45 11.06
C LEU A 9 -4.15 6.66 10.11
N ARG A 10 -5.39 7.11 9.93
CA ARG A 10 -6.21 6.49 8.89
C ARG A 10 -5.52 6.58 7.54
N ILE A 11 -4.89 7.72 7.24
CA ILE A 11 -4.16 7.88 5.98
C ILE A 11 -2.86 7.06 5.98
N ASP A 12 -2.09 7.11 7.09
CA ASP A 12 -0.76 6.53 7.10
C ASP A 12 -0.78 5.01 7.28
N GLN A 13 -1.67 4.49 8.13
CA GLN A 13 -1.67 3.06 8.44
C GLN A 13 -2.90 2.32 7.92
N GLY A 14 -4.03 3.01 7.84
CA GLY A 14 -5.23 2.47 7.21
C GLY A 14 -6.27 2.04 8.23
N LEU A 15 -7.54 2.16 7.84
CA LEU A 15 -8.67 1.79 8.69
C LEU A 15 -9.40 0.59 8.10
N ARG A 16 -9.65 -0.42 8.93
CA ARG A 16 -10.44 -1.61 8.53
C ARG A 16 -11.65 -1.73 9.44
N LEU A 17 -12.84 -1.88 8.87
CA LEU A 17 -14.04 -2.06 9.69
C LEU A 17 -14.42 -3.52 9.88
N LYS A 18 -13.66 -4.45 9.31
CA LYS A 18 -13.88 -5.88 9.50
C LYS A 18 -12.56 -6.50 9.94
N ILE A 19 -12.64 -7.56 10.72
CA ILE A 19 -11.43 -8.21 11.21
C ILE A 19 -10.51 -8.54 10.04
N TYR A 20 -9.21 -8.35 10.23
CA TYR A 20 -8.24 -8.69 9.21
C TYR A 20 -7.03 -9.28 9.89
N LYS A 21 -6.06 -9.74 9.11
CA LYS A 21 -4.86 -10.33 9.68
C LYS A 21 -3.71 -9.36 9.53
N ASP A 22 -2.97 -9.10 10.60
CA ASP A 22 -1.83 -8.23 10.53
C ASP A 22 -0.65 -8.99 9.93
N THR A 23 0.53 -8.37 9.97
CA THR A 23 1.70 -8.93 9.31
C THR A 23 2.13 -10.27 9.94
N GLU A 24 1.81 -10.53 11.22
CA GLU A 24 2.05 -11.83 11.86
C GLU A 24 0.89 -12.81 11.74
N GLY A 25 -0.16 -12.49 11.00
CA GLY A 25 -1.29 -13.40 10.90
C GLY A 25 -2.31 -13.23 11.99
N TYR A 26 -2.11 -12.26 12.89
CA TYR A 26 -2.95 -12.05 14.06
C TYR A 26 -4.16 -11.22 13.70
N TYR A 27 -5.30 -11.64 14.23
CA TYR A 27 -6.57 -10.96 14.01
C TYR A 27 -6.53 -9.57 14.61
N THR A 28 -6.95 -8.58 13.81
CA THR A 28 -6.78 -7.16 14.07
C THR A 28 -8.02 -6.48 13.53
N ILE A 29 -8.32 -5.29 14.04
CA ILE A 29 -9.41 -4.51 13.46
C ILE A 29 -9.10 -3.03 13.60
N GLY A 30 -9.87 -2.21 12.88
CA GLY A 30 -9.73 -0.77 13.04
C GLY A 30 -8.43 -0.29 12.43
N ILE A 31 -7.78 0.67 13.10
CA ILE A 31 -6.41 1.12 12.69
C ILE A 31 -5.45 0.32 13.53
N GLY A 32 -5.17 -0.91 13.07
CA GLY A 32 -4.11 -1.72 13.67
C GLY A 32 -4.36 -2.18 15.09
N HIS A 33 -5.62 -2.33 15.50
CA HIS A 33 -5.89 -2.70 16.89
C HIS A 33 -5.87 -4.21 17.01
N LEU A 34 -4.83 -4.76 17.64
CA LEU A 34 -4.71 -6.21 17.76
C LEU A 34 -5.80 -6.77 18.67
N LEU A 35 -6.46 -7.86 18.24
CA LEU A 35 -7.52 -8.46 19.06
C LEU A 35 -7.01 -9.62 19.87
N THR A 36 -6.25 -10.53 19.26
CA THR A 36 -5.78 -11.73 19.95
C THR A 36 -4.68 -12.34 19.11
N LYS A 37 -3.82 -13.12 19.78
CA LYS A 37 -2.90 -13.96 19.03
C LYS A 37 -3.45 -15.35 18.81
N SER A 38 -4.66 -15.63 19.30
CA SER A 38 -5.31 -16.90 19.06
C SER A 38 -5.59 -17.08 17.55
N PRO A 39 -5.41 -18.30 17.02
CA PRO A 39 -5.83 -18.57 15.63
C PRO A 39 -7.34 -18.68 15.44
N SER A 40 -8.13 -18.58 16.50
CA SER A 40 -9.55 -18.81 16.41
C SER A 40 -10.22 -17.49 16.08
N LEU A 41 -10.95 -17.45 14.97
CA LEU A 41 -11.68 -16.22 14.63
C LEU A 41 -12.79 -15.96 15.62
N ASN A 42 -13.38 -17.02 16.18
CA ASN A 42 -14.35 -16.84 17.26
C ASN A 42 -13.70 -16.19 18.47
N ALA A 43 -12.47 -16.60 18.81
CA ALA A 43 -11.78 -15.97 19.94
C ALA A 43 -11.55 -14.51 19.66
N ALA A 44 -11.16 -14.19 18.41
CA ALA A 44 -10.98 -12.79 18.02
C ALA A 44 -12.29 -12.03 18.13
N LYS A 45 -13.39 -12.66 17.71
CA LYS A 45 -14.69 -12.01 17.78
C LYS A 45 -15.12 -11.79 19.22
N SER A 46 -14.81 -12.74 20.10
CA SER A 46 -15.13 -12.54 21.52
C SER A 46 -14.33 -11.38 22.12
N GLU A 47 -13.05 -11.25 21.77
CA GLU A 47 -12.28 -10.13 22.29
C GLU A 47 -12.80 -8.81 21.74
N LEU A 48 -13.21 -8.82 20.47
CA LEU A 48 -13.79 -7.62 19.87
C LEU A 48 -15.06 -7.22 20.59
N ASP A 49 -15.96 -8.20 20.79
CA ASP A 49 -17.24 -7.95 21.45
C ASP A 49 -17.02 -7.41 22.85
N LYS A 50 -16.05 -7.96 23.57
CA LYS A 50 -15.71 -7.43 24.88
C LYS A 50 -15.30 -5.96 24.78
N ALA A 51 -14.47 -5.61 23.78
CA ALA A 51 -13.98 -4.23 23.64
C ALA A 51 -15.03 -3.25 23.12
N ILE A 52 -16.02 -3.71 22.35
CA ILE A 52 -16.99 -2.81 21.74
C ILE A 52 -18.27 -2.79 22.56
N GLY A 53 -18.56 -3.90 23.22
CA GLY A 53 -19.73 -4.02 24.06
C GLY A 53 -20.97 -4.59 23.42
N ARG A 54 -20.85 -5.24 22.27
CA ARG A 54 -21.99 -5.85 21.58
C ARG A 54 -21.48 -7.06 20.80
N ASN A 55 -22.41 -7.89 20.34
CA ASN A 55 -22.10 -8.92 19.35
C ASN A 55 -21.87 -8.22 18.01
N THR A 56 -20.60 -8.06 17.63
CA THR A 56 -20.25 -7.36 16.40
C THR A 56 -20.20 -8.27 15.19
N ASN A 57 -20.04 -9.57 15.45
CA ASN A 57 -19.76 -10.59 14.44
C ASN A 57 -18.52 -10.25 13.61
N GLY A 58 -17.58 -9.53 14.22
CA GLY A 58 -16.34 -9.19 13.53
C GLY A 58 -16.41 -7.96 12.66
N VAL A 59 -17.49 -7.20 12.72
CA VAL A 59 -17.63 -5.97 11.92
C VAL A 59 -18.00 -4.84 12.87
N ILE A 60 -17.33 -3.69 12.71
CA ILE A 60 -17.59 -2.53 13.55
C ILE A 60 -17.83 -1.32 12.65
N THR A 61 -18.34 -0.24 13.25
CA THR A 61 -18.54 1.03 12.53
C THR A 61 -17.32 1.92 12.62
N LYS A 62 -17.32 2.97 11.82
CA LYS A 62 -16.23 3.95 11.86
C LYS A 62 -16.16 4.63 13.23
N ASP A 63 -17.30 4.97 13.83
CA ASP A 63 -17.23 5.63 15.14
C ASP A 63 -16.68 4.67 16.18
N GLU A 64 -17.02 3.39 16.07
CA GLU A 64 -16.45 2.41 16.97
C GLU A 64 -14.95 2.28 16.77
N ALA A 65 -14.49 2.32 15.51
CA ALA A 65 -13.06 2.23 15.25
C ALA A 65 -12.31 3.46 15.74
N GLU A 66 -12.92 4.63 15.59
CA GLU A 66 -12.34 5.87 16.12
C GLU A 66 -12.22 5.84 17.65
N LYS A 67 -13.24 5.38 18.34
CA LYS A 67 -13.18 5.28 19.79
C LYS A 67 -12.06 4.34 20.23
N LEU A 68 -12.00 3.15 19.63
CA LEU A 68 -10.91 2.21 19.90
C LEU A 68 -9.56 2.84 19.62
N PHE A 69 -9.42 3.50 18.47
CA PHE A 69 -8.15 4.15 18.14
C PHE A 69 -7.78 5.20 19.16
N ASN A 70 -8.74 6.01 19.60
CA ASN A 70 -8.38 7.05 20.54
C ASN A 70 -7.95 6.44 21.88
N GLN A 71 -8.54 5.32 22.27
CA GLN A 71 -8.04 4.57 23.42
C GLN A 71 -6.59 4.14 23.22
N ASP A 72 -6.25 3.67 22.01
CA ASP A 72 -4.87 3.29 21.72
C ASP A 72 -3.95 4.50 21.75
N VAL A 73 -4.42 5.66 21.29
CA VAL A 73 -3.58 6.86 21.40
C VAL A 73 -3.32 7.18 22.85
N ASP A 74 -4.36 7.12 23.69
CA ASP A 74 -4.19 7.46 25.11
C ASP A 74 -3.14 6.58 25.76
N ALA A 75 -3.16 5.28 25.44
CA ALA A 75 -2.16 4.33 25.96
C ALA A 75 -0.76 4.62 25.43
N ALA A 76 -0.63 4.94 24.14
CA ALA A 76 0.67 5.31 23.61
C ALA A 76 1.24 6.55 24.30
N VAL A 77 0.38 7.54 24.55
CA VAL A 77 0.81 8.76 25.22
C VAL A 77 1.29 8.42 26.64
N ARG A 78 0.53 7.61 27.36
CA ARG A 78 1.02 7.24 28.69
C ARG A 78 2.36 6.52 28.59
N GLY A 79 2.56 5.65 27.60
CA GLY A 79 3.86 5.02 27.49
C GLY A 79 4.95 6.06 27.25
N ILE A 80 4.69 7.02 26.36
CA ILE A 80 5.64 8.10 26.13
C ILE A 80 5.96 8.83 27.41
N LEU A 81 4.93 9.16 28.20
CA LEU A 81 5.16 9.92 29.43
C LEU A 81 5.88 9.09 30.48
N ARG A 82 5.87 7.78 30.37
CA ARG A 82 6.61 6.91 31.29
C ARG A 82 8.05 6.69 30.86
N ASN A 83 8.46 7.21 29.71
CA ASN A 83 9.74 6.88 29.07
C ASN A 83 10.66 8.09 29.19
N ALA A 84 11.75 7.94 29.93
CA ALA A 84 12.60 9.08 30.23
C ALA A 84 13.23 9.67 28.99
N LYS A 85 13.41 8.90 27.91
CA LYS A 85 13.97 9.47 26.68
C LYS A 85 12.96 10.22 25.83
N LEU A 86 11.66 10.02 26.06
CA LEU A 86 10.63 10.59 25.20
C LEU A 86 9.80 11.67 25.88
N LYS A 87 9.59 11.56 27.21
CA LYS A 87 8.78 12.54 27.92
C LYS A 87 9.27 13.98 27.72
N PRO A 88 10.57 14.29 27.82
CA PRO A 88 10.97 15.71 27.69
C PRO A 88 10.65 16.29 26.33
N VAL A 89 10.93 15.56 25.25
CA VAL A 89 10.55 16.14 23.95
C VAL A 89 9.03 16.20 23.81
N TYR A 90 8.34 15.16 24.25
CA TYR A 90 6.88 15.18 24.13
C TYR A 90 6.29 16.36 24.87
N ASP A 91 6.70 16.56 26.12
CA ASP A 91 6.22 17.70 26.89
C ASP A 91 6.47 19.02 26.17
N SER A 92 7.62 19.15 25.52
CA SER A 92 7.97 20.42 24.90
C SER A 92 7.18 20.70 23.63
N LEU A 93 6.60 19.70 23.00
CA LEU A 93 5.99 19.89 21.68
C LEU A 93 4.57 20.41 21.79
N ASP A 94 4.10 21.10 20.75
CA ASP A 94 2.67 21.40 20.65
C ASP A 94 1.86 20.16 20.25
N ALA A 95 0.52 20.32 20.26
CA ALA A 95 -0.40 19.20 20.07
C ALA A 95 -0.27 18.55 18.69
N VAL A 96 -0.03 19.35 17.64
CA VAL A 96 0.11 18.78 16.30
C VAL A 96 1.42 18.02 16.18
N ARG A 97 2.54 18.63 16.60
CA ARG A 97 3.81 17.91 16.59
C ARG A 97 3.77 16.68 17.48
N ARG A 98 3.02 16.72 18.59
CA ARG A 98 2.86 15.51 19.41
C ARG A 98 2.24 14.36 18.62
N ALA A 99 1.22 14.67 17.78
CA ALA A 99 0.60 13.65 16.94
C ALA A 99 1.66 13.00 16.03
N ALA A 100 2.63 13.80 15.54
CA ALA A 100 3.67 13.24 14.67
C ALA A 100 4.52 12.25 15.45
N LEU A 101 4.84 12.59 16.70
CA LEU A 101 5.69 11.68 17.46
C LEU A 101 4.92 10.41 17.79
N ILE A 102 3.66 10.56 18.19
CA ILE A 102 2.80 9.38 18.40
C ILE A 102 2.72 8.51 17.15
N ASN A 103 2.61 9.15 15.99
CA ASN A 103 2.59 8.44 14.71
C ASN A 103 3.83 7.55 14.55
N MET A 104 5.02 8.09 14.84
CA MET A 104 6.25 7.29 14.81
C MET A 104 6.21 6.15 15.82
N VAL A 105 5.72 6.42 17.02
CA VAL A 105 5.65 5.35 18.03
C VAL A 105 4.73 4.22 17.56
N PHE A 106 3.59 4.55 16.92
CA PHE A 106 2.73 3.51 16.37
C PHE A 106 3.47 2.70 15.28
N GLN A 107 4.26 3.36 14.46
CA GLN A 107 4.91 2.64 13.36
C GLN A 107 6.07 1.78 13.85
N MET A 108 6.90 2.31 14.74
CA MET A 108 8.14 1.62 15.09
C MET A 108 8.29 1.29 16.55
N GLY A 109 7.34 1.64 17.40
CA GLY A 109 7.42 1.29 18.79
C GLY A 109 8.20 2.33 19.57
N GLU A 110 7.95 2.35 20.87
CA GLU A 110 8.63 3.32 21.72
C GLU A 110 10.14 3.17 21.67
N THR A 111 10.65 1.93 21.72
CA THR A 111 12.11 1.84 21.79
C THR A 111 12.75 2.24 20.46
N GLY A 112 12.02 2.10 19.37
CA GLY A 112 12.55 2.55 18.08
C GLY A 112 12.63 4.06 17.99
N VAL A 113 11.59 4.76 18.45
CA VAL A 113 11.59 6.20 18.39
C VAL A 113 12.64 6.76 19.34
N ALA A 114 12.84 6.08 20.48
CA ALA A 114 13.84 6.58 21.41
C ALA A 114 15.23 6.43 20.86
N GLY A 115 15.41 5.69 19.74
CA GLY A 115 16.70 5.67 19.09
C GLY A 115 17.08 6.94 18.33
N PHE A 116 16.13 7.82 18.07
CA PHE A 116 16.37 9.04 17.27
C PHE A 116 16.87 10.16 18.18
N THR A 117 17.95 9.88 18.90
CA THR A 117 18.36 10.77 19.98
C THR A 117 18.64 12.20 19.48
N ASN A 118 19.41 12.34 18.39
CA ASN A 118 19.75 13.69 17.94
C ASN A 118 18.52 14.39 17.39
N SER A 119 17.72 13.69 16.60
CA SER A 119 16.52 14.32 16.04
C SER A 119 15.60 14.79 17.14
N LEU A 120 15.46 13.98 18.20
CA LEU A 120 14.56 14.33 19.27
C LEU A 120 15.07 15.58 20.01
N ARG A 121 16.40 15.66 20.23
CA ARG A 121 16.97 16.86 20.84
C ARG A 121 16.71 18.09 19.97
N MET A 122 16.93 17.98 18.66
CA MET A 122 16.63 19.11 17.77
C MET A 122 15.17 19.54 17.88
N LEU A 123 14.25 18.58 17.90
CA LEU A 123 12.83 18.93 18.12
C LEU A 123 12.64 19.62 19.47
N GLN A 124 13.22 19.05 20.53
CA GLN A 124 13.06 19.66 21.85
C GLN A 124 13.58 21.10 21.86
N GLN A 125 14.57 21.40 21.03
CA GLN A 125 15.12 22.77 20.93
C GLN A 125 14.47 23.60 19.83
N LYS A 126 13.40 23.09 19.22
CA LYS A 126 12.58 23.79 18.22
C LYS A 126 13.38 24.09 16.97
N ARG A 127 14.38 23.24 16.71
CA ARG A 127 15.17 23.36 15.50
C ARG A 127 14.49 22.53 14.39
N TRP A 128 13.32 23.04 13.93
CA TRP A 128 12.45 22.19 13.12
C TRP A 128 13.11 21.76 11.83
N ASP A 129 13.73 22.71 11.12
CA ASP A 129 14.32 22.37 9.82
C ASP A 129 15.48 21.41 10.00
N GLU A 130 16.32 21.64 11.02
CA GLU A 130 17.41 20.71 11.26
C GLU A 130 16.91 19.32 11.59
N ALA A 131 15.93 19.21 12.48
CA ALA A 131 15.37 17.90 12.80
C ALA A 131 14.85 17.22 11.54
N ALA A 132 14.22 17.98 10.65
CA ALA A 132 13.64 17.39 9.44
C ALA A 132 14.72 16.81 8.53
N VAL A 133 15.81 17.55 8.32
CA VAL A 133 16.92 17.05 7.52
C VAL A 133 17.51 15.83 8.21
N ASN A 134 17.65 15.90 9.55
CA ASN A 134 18.28 14.76 10.22
C ASN A 134 17.41 13.51 10.06
N LEU A 135 16.09 13.66 10.19
CA LEU A 135 15.16 12.52 10.05
C LEU A 135 15.16 11.96 8.62
N ALA A 136 15.35 12.83 7.62
CA ALA A 136 15.37 12.36 6.23
C ALA A 136 16.54 11.40 5.94
N LYS A 137 17.59 11.43 6.75
CA LYS A 137 18.76 10.57 6.54
C LYS A 137 18.57 9.15 7.12
N SER A 138 17.42 8.86 7.73
CA SER A 138 17.26 7.63 8.49
C SER A 138 16.81 6.45 7.63
N ARG A 139 17.00 5.25 8.17
CA ARG A 139 16.50 4.08 7.47
C ARG A 139 14.97 4.09 7.43
N TRP A 140 14.34 4.66 8.46
CA TRP A 140 12.89 4.87 8.47
C TRP A 140 12.46 5.59 7.21
N TYR A 141 13.12 6.69 6.91
CA TYR A 141 12.79 7.44 5.72
C TYR A 141 13.04 6.59 4.47
N ASN A 142 14.12 5.83 4.44
CA ASN A 142 14.38 5.05 3.24
C ASN A 142 13.34 3.95 3.02
N GLN A 143 12.81 3.36 4.08
CA GLN A 143 11.90 2.23 3.93
C GLN A 143 10.45 2.64 3.70
N THR A 144 10.00 3.72 4.35
CA THR A 144 8.65 4.26 4.14
C THR A 144 8.77 5.76 3.88
N PRO A 145 9.30 6.16 2.72
CA PRO A 145 9.58 7.58 2.49
C PRO A 145 8.34 8.45 2.43
N ASN A 146 7.20 7.92 1.96
CA ASN A 146 6.06 8.81 1.76
C ASN A 146 5.37 9.08 3.08
N ARG A 147 5.24 8.06 3.91
CA ARG A 147 4.76 8.32 5.27
C ARG A 147 5.75 9.16 6.06
N ALA A 148 7.04 8.87 5.96
CA ALA A 148 8.04 9.63 6.72
C ALA A 148 8.00 11.09 6.29
N LYS A 149 7.85 11.36 4.98
CA LYS A 149 7.82 12.77 4.60
C LYS A 149 6.63 13.49 5.21
N ARG A 150 5.47 12.83 5.30
CA ARG A 150 4.30 13.52 5.86
C ARG A 150 4.51 13.78 7.35
N VAL A 151 5.04 12.81 8.05
CA VAL A 151 5.32 13.00 9.48
C VAL A 151 6.40 14.07 9.67
N ILE A 152 7.46 14.01 8.86
CA ILE A 152 8.53 15.02 8.97
C ILE A 152 7.97 16.42 8.69
N THR A 153 7.09 16.57 7.68
CA THR A 153 6.47 17.88 7.40
C THR A 153 5.64 18.36 8.58
N THR A 154 5.03 17.42 9.28
CA THR A 154 4.27 17.80 10.46
C THR A 154 5.20 18.34 11.54
N PHE A 155 6.32 17.65 11.82
CA PHE A 155 7.33 18.23 12.73
C PHE A 155 7.84 19.56 12.23
N ARG A 156 8.07 19.68 10.91
CA ARG A 156 8.70 20.88 10.40
C ARG A 156 7.77 22.09 10.54
N THR A 157 6.47 21.90 10.29
CA THR A 157 5.53 23.01 10.19
C THR A 157 4.59 23.15 11.36
N GLY A 158 4.34 22.10 12.13
CA GLY A 158 3.36 22.25 13.18
C GLY A 158 1.95 22.35 12.65
N THR A 159 1.72 21.95 11.40
CA THR A 159 0.38 21.94 10.80
C THR A 159 0.08 20.54 10.33
N TRP A 160 -1.19 20.34 9.98
CA TRP A 160 -1.65 19.09 9.36
C TRP A 160 -1.54 19.10 7.86
N ASP A 161 -0.84 20.09 7.29
CA ASP A 161 -0.94 20.31 5.84
C ASP A 161 -0.43 19.14 5.02
N ALA A 162 0.45 18.28 5.54
CA ALA A 162 0.86 17.14 4.70
C ALA A 162 -0.26 16.12 4.51
N TYR A 163 -1.35 16.26 5.24
CA TYR A 163 -2.46 15.32 5.22
C TYR A 163 -3.65 15.89 4.47
N GLY A 164 -3.45 16.97 3.76
CA GLY A 164 -4.47 17.49 2.87
C GLY A 164 -4.45 16.82 1.52
N SER A 165 -4.87 17.54 0.50
CA SER A 165 -4.99 16.90 -0.80
C SER A 165 -3.66 16.40 -1.27
N LEU A 166 -3.67 15.21 -1.85
CA LEU A 166 -2.48 14.67 -2.48
C LEU A 166 -2.16 15.41 -3.79
N ASP A 167 -0.86 15.49 -4.10
CA ASP A 167 -0.42 15.81 -5.45
C ASP A 167 -1.01 14.79 -6.43
N TYR A 168 -0.89 15.09 -7.73
CA TYR A 168 -1.51 14.28 -8.76
C TYR A 168 -1.02 12.83 -8.73
N ALA A 169 0.30 12.62 -8.74
CA ALA A 169 0.78 11.22 -8.75
C ALA A 169 0.38 10.47 -7.48
N ALA A 170 0.55 11.09 -6.31
CA ALA A 170 0.19 10.44 -5.06
C ALA A 170 -1.31 10.14 -5.00
N GLY A 171 -2.15 11.06 -5.44
CA GLY A 171 -3.58 10.82 -5.43
C GLY A 171 -3.97 9.73 -6.41
N MET A 172 -3.28 9.68 -7.56
CA MET A 172 -3.52 8.57 -8.49
C MET A 172 -3.20 7.21 -7.86
N ALA A 173 -2.05 7.10 -7.22
CA ALA A 173 -1.71 5.88 -6.48
C ALA A 173 -2.75 5.57 -5.40
N SER A 174 -3.14 6.58 -4.61
CA SER A 174 -4.07 6.33 -3.52
C SER A 174 -5.42 5.80 -4.02
N ASN A 175 -5.99 6.44 -5.04
CA ASN A 175 -7.28 5.99 -5.58
C ASN A 175 -7.14 4.60 -6.20
N TYR A 176 -6.01 4.32 -6.88
CA TYR A 176 -5.81 3.02 -7.51
C TYR A 176 -5.74 1.92 -6.47
N PHE A 177 -5.09 2.20 -5.35
CA PHE A 177 -5.02 1.23 -4.26
C PHE A 177 -6.35 1.12 -3.51
N HIS A 178 -6.82 2.24 -2.91
CA HIS A 178 -8.01 2.15 -2.04
C HIS A 178 -9.28 1.83 -2.81
N GLY A 179 -9.35 2.25 -4.07
CA GLY A 179 -10.55 2.10 -4.85
C GLY A 179 -10.56 0.86 -5.70
N TYR A 180 -9.48 0.06 -5.68
CA TYR A 180 -9.39 -1.01 -6.66
C TYR A 180 -8.61 -2.17 -6.07
N LEU A 181 -7.27 -2.02 -5.94
CA LEU A 181 -6.47 -3.16 -5.48
C LEU A 181 -6.90 -3.63 -4.10
N LYS A 182 -7.12 -2.71 -3.16
CA LYS A 182 -7.48 -3.11 -1.80
C LYS A 182 -8.85 -3.75 -1.72
N LEU A 183 -9.75 -3.44 -2.67
CA LEU A 183 -11.07 -4.06 -2.66
C LEU A 183 -11.08 -5.43 -3.34
N SER A 184 -10.34 -5.57 -4.44
CA SER A 184 -10.36 -6.82 -5.21
C SER A 184 -9.55 -7.91 -4.53
N LEU A 185 -8.35 -7.61 -4.08
CA LEU A 185 -7.36 -8.70 -3.84
C LEU A 185 -7.36 -9.38 -2.48
N PRO A 186 -7.56 -8.67 -1.35
CA PRO A 186 -7.35 -9.30 -0.02
C PRO A 186 -8.25 -10.50 0.23
N GLU A 187 -7.74 -11.40 1.06
CA GLU A 187 -8.48 -12.59 1.44
C GLU A 187 -9.78 -12.20 2.13
N ARG A 188 -10.85 -12.92 1.78
CA ARG A 188 -12.13 -12.79 2.46
C ARG A 188 -12.92 -14.06 2.13
N LYS A 189 -14.07 -14.22 2.76
CA LYS A 189 -14.80 -15.49 2.60
C LYS A 189 -15.02 -15.82 1.12
N ALA A 190 -14.42 -16.92 0.68
CA ALA A 190 -14.59 -17.45 -0.67
C ALA A 190 -14.29 -16.41 -1.72
N ASP A 191 -13.34 -15.53 -1.45
CA ASP A 191 -13.03 -14.58 -2.49
C ASP A 191 -11.66 -13.97 -2.20
N GLY A 192 -11.31 -13.02 -3.05
CA GLY A 192 -9.99 -12.43 -3.08
C GLY A 192 -9.13 -13.15 -4.11
N LEU A 193 -7.95 -12.59 -4.33
CA LEU A 193 -7.11 -13.04 -5.43
C LEU A 193 -6.73 -14.51 -5.29
N LEU A 194 -6.16 -14.89 -4.15
CA LEU A 194 -5.59 -16.23 -4.03
C LEU A 194 -6.67 -17.30 -4.19
N HIS A 195 -7.80 -17.11 -3.51
CA HIS A 195 -8.91 -18.06 -3.66
C HIS A 195 -9.39 -18.13 -5.10
N ARG A 196 -9.65 -16.97 -5.73
CA ARG A 196 -10.17 -17.04 -7.08
C ARG A 196 -9.14 -17.61 -8.05
N MET A 197 -7.84 -17.35 -7.84
CA MET A 197 -6.83 -18.03 -8.65
C MET A 197 -6.89 -19.54 -8.46
N ASN A 198 -7.07 -20.02 -7.24
CA ASN A 198 -7.22 -21.46 -7.05
C ASN A 198 -8.46 -21.99 -7.78
N VAL A 199 -9.59 -21.32 -7.64
CA VAL A 199 -10.81 -21.71 -8.37
C VAL A 199 -10.52 -21.76 -9.85
N TYR A 200 -9.81 -20.75 -10.36
CA TYR A 200 -9.50 -20.66 -11.79
C TYR A 200 -8.63 -21.82 -12.26
N GLU A 201 -7.52 -22.07 -11.53
CA GLU A 201 -6.65 -23.21 -11.83
C GLU A 201 -7.46 -24.51 -11.92
N ASP A 202 -8.39 -24.71 -10.98
CA ASP A 202 -9.12 -25.98 -10.94
C ASP A 202 -10.21 -26.04 -11.99
N LYS A 203 -10.77 -24.89 -12.38
CA LYS A 203 -11.80 -24.89 -13.43
C LYS A 203 -11.20 -25.24 -14.79
N TYR A 204 -10.02 -24.71 -15.12
CA TYR A 204 -9.41 -24.89 -16.43
C TYR A 204 -8.24 -25.87 -16.42
N ASN A 205 -7.86 -26.41 -15.26
CA ASN A 205 -6.69 -27.30 -15.11
C ASN A 205 -5.42 -26.61 -15.63
N VAL A 206 -5.07 -25.50 -14.95
CA VAL A 206 -3.92 -24.66 -15.32
C VAL A 206 -3.17 -24.29 -14.06
N THR A 207 -1.98 -23.69 -14.24
CA THR A 207 -1.17 -23.26 -13.11
C THR A 207 -0.68 -21.84 -13.36
N PHE A 208 -0.91 -20.96 -12.38
CA PHE A 208 -0.33 -19.62 -12.42
C PHE A 208 1.16 -19.71 -12.07
N GLY A 209 2.00 -19.10 -12.91
CA GLY A 209 3.43 -19.16 -12.67
C GLY A 209 3.84 -18.29 -11.51
N ILE A 210 3.13 -17.18 -11.30
CA ILE A 210 3.30 -16.28 -10.15
C ILE A 210 1.92 -16.08 -9.55
N LYS A 211 1.76 -16.37 -8.27
CA LYS A 211 0.44 -16.29 -7.65
C LYS A 211 0.20 -14.92 -7.05
N ARG A 212 0.31 -13.92 -7.93
CA ARG A 212 0.15 -12.53 -7.56
C ARG A 212 -0.39 -11.81 -8.78
N LEU A 213 -1.04 -10.67 -8.58
CA LEU A 213 -1.35 -9.78 -9.70
C LEU A 213 -0.11 -8.97 -10.12
N ILE A 214 0.35 -9.18 -11.36
CA ILE A 214 1.48 -8.43 -11.88
C ILE A 214 0.94 -7.11 -12.43
N ILE A 215 1.50 -6.00 -11.96
CA ILE A 215 1.10 -4.68 -12.46
C ILE A 215 2.30 -4.04 -13.14
N LEU A 216 2.16 -3.75 -14.43
CA LEU A 216 3.24 -3.22 -15.28
C LEU A 216 3.20 -1.70 -15.24
N ILE A 217 4.32 -1.08 -14.90
CA ILE A 217 4.43 0.38 -14.89
C ILE A 217 5.55 0.75 -15.85
N PRO A 218 5.34 0.62 -17.16
CA PRO A 218 6.38 1.02 -18.11
C PRO A 218 6.54 2.53 -18.10
N ASP A 219 7.71 2.93 -18.64
CA ASP A 219 8.24 4.22 -19.07
C ASP A 219 7.23 5.09 -19.77
N GLU A 220 6.45 4.45 -20.62
CA GLU A 220 5.69 5.10 -21.68
C GLU A 220 4.50 4.23 -21.91
N MET A 221 3.45 4.82 -22.49
CA MET A 221 2.28 4.03 -22.82
C MET A 221 2.72 2.88 -23.70
N PHE A 222 1.95 1.80 -23.65
CA PHE A 222 2.29 0.64 -24.45
C PHE A 222 2.27 1.00 -25.95
N ILE A 223 3.11 0.31 -26.73
CA ILE A 223 3.32 0.68 -28.14
C ILE A 223 1.99 0.94 -28.84
N ASN A 224 1.04 0.01 -28.69
CA ASN A 224 -0.30 0.24 -29.20
C ASN A 224 -1.32 0.45 -28.09
N GLY A 225 -0.87 0.88 -26.90
CA GLY A 225 -1.76 1.09 -25.78
C GLY A 225 -2.18 -0.17 -25.04
N VAL A 226 -1.67 -1.35 -25.41
CA VAL A 226 -1.96 -2.59 -24.69
C VAL A 226 -0.69 -3.42 -24.56
N ILE A 227 -0.68 -4.28 -23.52
CA ILE A 227 0.36 -5.29 -23.41
C ILE A 227 0.39 -6.10 -24.69
N GLN A 228 1.56 -6.27 -25.27
CA GLN A 228 1.69 -7.22 -26.36
C GLN A 228 3.00 -7.95 -26.24
N SER A 229 3.00 -9.21 -26.69
CA SER A 229 4.18 -10.04 -26.65
C SER A 229 4.13 -11.06 -27.77
N ARG A 230 5.32 -11.47 -28.20
CA ARG A 230 5.43 -12.53 -29.18
C ARG A 230 4.94 -13.87 -28.62
N ILE A 231 4.98 -14.06 -27.29
CA ILE A 231 4.78 -15.37 -26.71
C ILE A 231 3.77 -15.35 -25.57
N LEU A 232 2.86 -14.39 -25.56
CA LEU A 232 1.73 -14.41 -24.63
C LEU A 232 0.43 -14.47 -25.42
N GLU A 233 -0.48 -15.37 -25.05
CA GLU A 233 -1.85 -15.29 -25.53
C GLU A 233 -2.84 -15.02 -24.41
N LYS A 234 -3.82 -14.18 -24.71
CA LYS A 234 -4.80 -13.73 -23.75
C LYS A 234 -5.77 -14.85 -23.42
N ALA A 235 -6.05 -15.03 -22.13
CA ALA A 235 -6.98 -16.06 -21.66
C ALA A 235 -8.25 -15.42 -21.10
N THR A 236 -9.15 -16.26 -20.58
CA THR A 236 -10.32 -15.75 -19.85
C THR A 236 -9.88 -14.97 -18.61
N PRO A 237 -10.48 -13.82 -18.32
CA PRO A 237 -10.04 -13.06 -17.17
C PRO A 237 -10.40 -13.76 -15.87
N LEU A 238 -9.62 -13.47 -14.85
CA LEU A 238 -9.94 -13.86 -13.49
C LEU A 238 -10.90 -12.83 -12.91
N GLU A 239 -11.87 -13.24 -12.11
CA GLU A 239 -12.73 -12.28 -11.43
C GLU A 239 -12.69 -12.44 -9.92
N THR A 240 -12.80 -11.31 -9.22
CA THR A 240 -13.17 -11.30 -7.83
C THR A 240 -14.45 -10.52 -7.73
N GLN A 241 -15.04 -10.56 -6.55
CA GLN A 241 -16.30 -9.89 -6.30
C GLN A 241 -16.15 -9.08 -5.03
N PHE A 242 -16.74 -7.90 -5.05
CA PHE A 242 -16.78 -7.04 -3.88
C PHE A 242 -18.23 -6.67 -3.61
N ILE A 243 -18.74 -7.08 -2.46
CA ILE A 243 -20.07 -6.69 -2.02
C ILE A 243 -19.88 -5.50 -1.10
N ASN A 244 -20.26 -4.32 -1.55
CA ASN A 244 -20.05 -3.09 -0.77
C ASN A 244 -21.05 -3.03 0.39
N ARG A 245 -20.97 -1.93 1.15
CA ARG A 245 -21.84 -1.76 2.31
C ARG A 245 -23.30 -1.78 1.93
N ALA A 246 -23.65 -1.25 0.76
CA ALA A 246 -25.05 -1.22 0.31
C ALA A 246 -25.57 -2.57 -0.15
N GLY A 247 -24.69 -3.58 -0.31
CA GLY A 247 -25.11 -4.89 -0.77
C GLY A 247 -25.04 -5.11 -2.27
N VAL A 248 -24.43 -4.19 -3.01
CA VAL A 248 -24.30 -4.31 -4.46
C VAL A 248 -23.10 -5.19 -4.79
N ASN A 249 -23.32 -6.26 -5.54
CA ASN A 249 -22.24 -7.16 -5.96
C ASN A 249 -21.62 -6.60 -7.24
N ARG A 250 -20.37 -6.19 -7.15
CA ARG A 250 -19.68 -5.76 -8.35
C ARG A 250 -18.47 -6.65 -8.59
N PRO A 251 -18.18 -6.97 -9.84
CA PRO A 251 -16.96 -7.71 -10.18
C PRO A 251 -15.76 -6.79 -10.38
N PHE A 252 -14.61 -7.41 -10.24
CA PHE A 252 -13.33 -6.89 -10.71
C PHE A 252 -12.82 -7.94 -11.65
N LYS A 253 -12.38 -7.54 -12.83
CA LYS A 253 -11.80 -8.47 -13.80
C LYS A 253 -10.32 -8.18 -13.90
N HIS A 254 -9.48 -9.22 -13.80
CA HIS A 254 -8.04 -9.08 -13.98
C HIS A 254 -7.63 -9.90 -15.19
N ALA A 255 -6.93 -9.28 -16.14
CA ALA A 255 -6.53 -9.98 -17.34
C ALA A 255 -5.58 -11.12 -17.01
N VAL A 256 -5.72 -12.22 -17.75
CA VAL A 256 -4.88 -13.41 -17.62
C VAL A 256 -4.23 -13.69 -18.97
N TYR A 257 -2.94 -14.04 -18.94
CA TYR A 257 -2.24 -14.45 -20.16
C TYR A 257 -1.64 -15.81 -19.95
N ARG A 258 -1.54 -16.55 -21.05
CA ARG A 258 -0.89 -17.84 -21.13
C ARG A 258 0.47 -17.67 -21.78
N LEU A 259 1.50 -18.25 -21.19
CA LEU A 259 2.82 -18.22 -21.80
C LEU A 259 2.88 -19.30 -22.88
N ALA A 260 3.08 -18.89 -24.14
CA ALA A 260 2.95 -19.78 -25.27
C ALA A 260 4.17 -20.69 -25.48
N GLU A 261 5.24 -20.51 -24.71
CA GLU A 261 6.41 -21.37 -24.78
C GLU A 261 6.57 -22.07 -23.44
N LYS A 262 6.68 -23.40 -23.47
CA LYS A 262 6.74 -24.15 -22.22
C LYS A 262 8.03 -23.87 -21.49
N VAL A 263 8.00 -24.12 -20.18
CA VAL A 263 9.15 -23.94 -19.30
C VAL A 263 9.30 -25.24 -18.54
N ASN A 264 10.34 -26.01 -18.87
CA ASN A 264 10.54 -27.36 -18.34
C ASN A 264 9.24 -28.16 -18.45
N GLY A 265 8.62 -28.10 -19.64
CA GLY A 265 7.46 -28.90 -19.98
C GLY A 265 6.13 -28.36 -19.56
N LYS A 266 6.08 -27.23 -18.86
CA LYS A 266 4.86 -26.70 -18.27
C LYS A 266 4.44 -25.41 -18.95
N THR A 267 3.13 -25.25 -19.14
CA THR A 267 2.54 -23.99 -19.56
C THR A 267 2.09 -23.20 -18.32
N TYR A 268 2.43 -21.93 -18.28
CA TYR A 268 2.17 -21.12 -17.09
C TYR A 268 1.26 -19.99 -17.46
N TYR A 269 0.42 -19.57 -16.50
CA TYR A 269 -0.52 -18.50 -16.74
C TYR A 269 -0.18 -17.37 -15.78
N PHE A 270 -0.58 -16.17 -16.13
CA PHE A 270 -0.23 -14.99 -15.36
C PHE A 270 -1.40 -14.05 -15.33
N ALA A 271 -1.72 -13.53 -14.14
CA ALA A 271 -2.67 -12.44 -13.98
C ALA A 271 -1.85 -11.16 -14.05
N MET A 272 -2.12 -10.32 -15.05
CA MET A 272 -1.21 -9.21 -15.34
C MET A 272 -1.97 -8.08 -16.01
N GLU A 273 -1.72 -6.85 -15.57
CA GLU A 273 -2.37 -5.69 -16.21
C GLU A 273 -1.42 -4.52 -16.14
N GLY A 274 -1.66 -3.53 -17.00
CA GLY A 274 -0.97 -2.25 -16.88
C GLY A 274 -1.60 -1.43 -15.76
N ALA A 275 -0.79 -0.55 -15.18
CA ALA A 275 -1.34 0.38 -14.19
C ALA A 275 -2.16 1.47 -14.88
N THR A 276 -3.46 1.24 -15.01
CA THR A 276 -4.36 2.06 -15.83
C THR A 276 -4.25 3.56 -15.61
N PRO A 277 -4.33 4.08 -14.39
CA PRO A 277 -4.28 5.55 -14.27
C PRO A 277 -2.96 6.13 -14.78
N MET A 278 -1.87 5.37 -14.70
CA MET A 278 -0.59 5.84 -15.20
C MET A 278 -0.58 5.87 -16.72
N LEU A 279 -1.16 4.84 -17.34
CA LEU A 279 -1.22 4.79 -18.79
C LEU A 279 -2.18 5.85 -19.35
N SER A 280 -3.29 6.10 -18.65
CA SER A 280 -4.17 7.21 -19.05
C SER A 280 -3.44 8.55 -18.95
N PHE A 281 -2.63 8.72 -17.92
CA PHE A 281 -1.84 9.94 -17.84
C PHE A 281 -0.89 10.05 -19.03
N PHE A 282 -0.17 8.96 -19.35
CA PHE A 282 0.72 8.97 -20.52
C PHE A 282 -0.05 9.32 -21.78
N GLU A 283 -1.24 8.74 -21.94
CA GLU A 283 -2.07 9.07 -23.11
C GLU A 283 -2.45 10.55 -23.13
N ALA A 284 -2.94 11.07 -22.00
CA ALA A 284 -3.28 12.51 -21.94
C ALA A 284 -2.08 13.40 -22.21
N MET A 285 -0.87 12.94 -21.87
CA MET A 285 0.29 13.81 -22.06
C MET A 285 0.73 13.88 -23.51
N HIS A 286 0.15 13.03 -24.36
CA HIS A 286 0.44 13.10 -25.77
C HIS A 286 0.11 14.48 -26.30
N SER A 287 1.00 14.99 -27.14
CA SER A 287 0.72 16.24 -27.83
C SER A 287 0.89 16.02 -29.33
N ASN A 288 0.02 16.66 -30.15
CA ASN A 288 0.17 16.59 -31.60
C ASN A 288 1.42 17.34 -32.06
N PHE A 289 1.91 18.26 -31.24
CA PHE A 289 3.20 18.91 -31.44
C PHE A 289 4.29 18.08 -30.76
N SER A 290 5.54 18.32 -31.12
CA SER A 290 6.62 17.54 -30.52
C SER A 290 6.72 17.85 -29.03
N ALA A 291 7.02 16.82 -28.23
CA ALA A 291 7.08 17.01 -26.78
C ALA A 291 8.25 17.91 -26.40
N THR A 292 8.00 18.82 -25.46
CA THR A 292 9.04 19.69 -24.94
C THR A 292 9.84 18.95 -23.87
N TRP A 293 11.00 19.51 -23.52
CA TRP A 293 11.77 18.91 -22.43
C TRP A 293 11.01 18.99 -21.11
N GLN A 294 10.21 20.05 -20.92
CA GLN A 294 9.39 20.15 -19.72
C GLN A 294 8.40 18.98 -19.64
N MET A 295 7.75 18.64 -20.76
CA MET A 295 6.77 17.57 -20.70
C MET A 295 7.45 16.21 -20.49
N LYS A 296 8.62 16.01 -21.09
CA LYS A 296 9.34 14.76 -20.85
C LYS A 296 9.72 14.66 -19.39
N GLU A 297 10.17 15.78 -18.77
CA GLU A 297 10.54 15.70 -17.36
C GLU A 297 9.30 15.42 -16.52
N LEU A 298 8.20 16.09 -16.82
CA LEU A 298 7.00 15.88 -16.03
C LEU A 298 6.51 14.43 -16.13
N LYS A 299 6.55 13.85 -17.33
CA LYS A 299 6.15 12.45 -17.49
C LYS A 299 6.99 11.55 -16.60
N ARG A 300 8.29 11.79 -16.57
CA ARG A 300 9.16 10.91 -15.79
C ARG A 300 8.92 11.09 -14.29
N GLU A 301 8.70 12.34 -13.84
CA GLU A 301 8.49 12.60 -12.41
C GLU A 301 7.23 11.92 -11.90
N ILE A 302 6.14 12.04 -12.65
CA ILE A 302 4.88 11.44 -12.22
C ILE A 302 4.96 9.92 -12.25
N TRP A 303 5.66 9.38 -13.25
CA TRP A 303 5.90 7.93 -13.33
C TRP A 303 6.59 7.43 -12.05
N LEU A 304 7.66 8.09 -11.66
CA LEU A 304 8.42 7.65 -10.48
C LEU A 304 7.66 7.88 -9.18
N LYS A 305 6.96 9.02 -9.09
CA LYS A 305 6.20 9.30 -7.85
C LYS A 305 5.00 8.36 -7.71
N PHE A 306 4.31 8.07 -8.81
CA PHE A 306 3.23 7.09 -8.72
C PHE A 306 3.74 5.76 -8.19
N TYR A 307 4.88 5.29 -8.73
CA TYR A 307 5.43 4.03 -8.28
C TYR A 307 5.74 4.06 -6.77
N THR A 308 6.46 5.07 -6.30
CA THR A 308 6.89 5.01 -4.90
C THR A 308 5.69 5.05 -3.95
N HIS A 309 4.66 5.85 -4.27
CA HIS A 309 3.48 5.88 -3.40
C HIS A 309 2.73 4.56 -3.44
N LEU A 310 2.55 3.99 -4.65
CA LEU A 310 1.77 2.77 -4.77
C LEU A 310 2.51 1.62 -4.14
N ASN A 311 3.81 1.54 -4.39
CA ASN A 311 4.60 0.47 -3.79
C ASN A 311 4.49 0.52 -2.29
N GLU A 312 4.57 1.72 -1.72
CA GLU A 312 4.54 1.82 -0.26
C GLU A 312 3.17 1.40 0.28
N LEU A 313 2.10 1.84 -0.34
CA LEU A 313 0.77 1.46 0.14
C LEU A 313 0.62 -0.06 0.11
N ILE A 314 0.98 -0.68 -1.02
CA ILE A 314 0.80 -2.13 -1.17
C ILE A 314 1.58 -2.87 -0.08
N LYS A 315 2.83 -2.43 0.13
CA LYS A 315 3.66 -3.17 1.06
C LYS A 315 3.33 -2.91 2.52
N THR A 316 2.70 -1.80 2.85
CA THR A 316 2.48 -1.52 4.26
C THR A 316 1.07 -1.91 4.74
N TRP A 317 0.20 -2.34 3.82
CA TRP A 317 -1.06 -3.05 4.16
C TRP A 317 -0.76 -4.54 4.15
N PRO A 318 -0.80 -5.22 5.30
CA PRO A 318 -0.47 -6.65 5.33
C PRO A 318 -1.34 -7.45 4.41
N GLU A 319 -2.59 -7.01 4.22
CA GLU A 319 -3.54 -7.76 3.40
C GLU A 319 -3.19 -7.78 1.92
N THR A 320 -2.37 -6.80 1.43
CA THR A 320 -2.03 -6.71 0.00
C THR A 320 -0.55 -6.98 -0.27
N ARG A 321 0.29 -6.92 0.77
CA ARG A 321 1.75 -6.89 0.60
C ARG A 321 2.23 -8.03 -0.31
N ASN A 322 1.76 -9.22 -0.07
CA ASN A 322 2.24 -10.39 -0.82
C ASN A 322 1.36 -10.74 -2.00
N LEU A 323 0.46 -9.85 -2.43
CA LEU A 323 -0.49 -10.21 -3.49
C LEU A 323 -0.25 -9.50 -4.82
N VAL A 324 0.72 -8.61 -4.90
CA VAL A 324 0.97 -7.78 -6.07
C VAL A 324 2.44 -7.84 -6.39
N GLU A 325 2.74 -7.96 -7.66
CA GLU A 325 4.10 -7.85 -8.17
C GLU A 325 4.15 -6.57 -9.00
N LEU A 326 4.61 -5.46 -8.40
CA LEU A 326 4.74 -4.20 -9.14
C LEU A 326 6.04 -4.22 -9.93
N ILE A 327 5.98 -3.97 -11.22
CA ILE A 327 7.18 -4.00 -12.07
C ILE A 327 7.28 -2.63 -12.75
N ILE A 328 8.26 -1.82 -12.34
CA ILE A 328 8.51 -0.55 -13.02
C ILE A 328 9.74 -0.74 -13.87
N TYR A 329 9.68 -0.31 -15.13
CA TYR A 329 10.73 -0.69 -16.06
C TYR A 329 10.79 0.29 -17.22
N ASN A 330 11.98 0.38 -17.81
CA ASN A 330 12.12 1.07 -19.08
C ASN A 330 11.53 0.22 -20.20
N SER A 331 10.68 0.86 -20.98
CA SER A 331 10.06 0.25 -22.14
C SER A 331 11.10 -0.28 -23.12
N HIS A 332 12.34 0.22 -23.06
CA HIS A 332 13.41 -0.14 -23.99
C HIS A 332 14.67 -0.51 -23.22
N ASP A 333 15.42 -1.48 -23.75
CA ASP A 333 16.64 -1.96 -23.10
C ASP A 333 17.79 -1.01 -23.43
N THR A 334 19.01 -1.44 -23.08
CA THR A 334 20.20 -0.63 -23.37
C THR A 334 20.39 -0.43 -24.87
N LYS A 335 20.14 -1.48 -25.67
CA LYS A 335 20.29 -1.39 -27.12
C LYS A 335 19.10 -0.72 -27.81
N GLY A 336 18.24 -0.03 -27.07
CA GLY A 336 17.09 0.62 -27.69
C GLY A 336 16.02 -0.30 -28.22
N ASP A 337 16.03 -1.58 -27.82
CA ASP A 337 15.02 -2.53 -28.26
C ASP A 337 13.89 -2.63 -27.25
N LEU A 338 12.67 -2.76 -27.76
CA LEU A 338 11.51 -2.91 -26.89
C LEU A 338 11.63 -4.14 -26.02
N VAL A 339 11.32 -3.98 -24.74
CA VAL A 339 11.26 -5.11 -23.82
C VAL A 339 9.99 -5.91 -24.12
N ASP A 340 10.12 -7.23 -24.20
CA ASP A 340 8.99 -8.12 -24.40
C ASP A 340 8.68 -8.74 -23.03
N VAL A 341 7.53 -8.41 -22.45
CA VAL A 341 7.27 -8.89 -21.09
C VAL A 341 7.04 -10.39 -21.09
N GLY A 342 6.59 -10.96 -22.21
CA GLY A 342 6.50 -12.41 -22.30
C GLY A 342 7.84 -13.08 -22.12
N GLU A 343 8.88 -12.52 -22.74
CA GLU A 343 10.21 -13.08 -22.56
C GLU A 343 10.71 -12.85 -21.15
N MET A 344 10.42 -11.68 -20.59
CA MET A 344 10.68 -11.41 -19.16
C MET A 344 10.07 -12.51 -18.27
N LEU A 345 8.80 -12.85 -18.51
CA LEU A 345 8.14 -13.89 -17.72
C LEU A 345 8.74 -15.26 -17.95
N LYS A 346 9.09 -15.56 -19.21
CA LYS A 346 9.69 -16.85 -19.49
C LYS A 346 11.03 -17.00 -18.78
N SER A 347 11.88 -15.96 -18.82
CA SER A 347 13.17 -16.03 -18.13
C SER A 347 12.97 -16.24 -16.64
N HIS A 348 12.06 -15.46 -16.06
CA HIS A 348 11.78 -15.59 -14.63
C HIS A 348 11.33 -17.00 -14.27
N MET A 349 10.51 -17.63 -15.11
CA MET A 349 10.05 -18.98 -14.78
C MET A 349 11.16 -19.99 -14.92
N GLU A 350 12.08 -19.78 -15.86
CA GLU A 350 13.19 -20.71 -16.03
C GLU A 350 14.15 -20.62 -14.85
N LEU A 351 14.38 -19.40 -14.36
CA LEU A 351 15.22 -19.27 -13.18
C LEU A 351 14.54 -19.85 -11.94
N LYS A 352 13.21 -19.74 -11.86
CA LYS A 352 12.49 -20.29 -10.71
C LYS A 352 12.37 -21.81 -10.77
N THR A 353 12.43 -22.40 -11.97
CA THR A 353 12.26 -23.85 -12.13
C THR A 353 13.43 -24.50 -12.86
#